data_8SD2
#
_entry.id   8SD2
#
_cell.length_a   166.638
_cell.length_b   166.638
_cell.length_c   166.638
_cell.angle_alpha   90.00
_cell.angle_beta   90.00
_cell.angle_gamma   90.00
#
_symmetry.space_group_name_H-M   'I 21 3'
#
loop_
_entity.id
_entity.type
_entity.pdbx_description
1 polymer 'Hemagglutinin HA1 chain'
2 polymer 'Hemagglutinin HA2 chain'
3 branched 2-acetamido-2-deoxy-beta-D-glucopyranose-(1-4)-2-acetamido-2-deoxy-beta-D-glucopyranose
4 non-polymer 2-acetamido-2-deoxy-beta-D-glucopyranose
5 non-polymer 'NITRATE ION'
6 non-polymer '(S~6~S)-N-{3-chloro-4-[(2S)-2-phenylmorpholine-4-carbonyl]phenyl}-5,7-dihydro-6H-pyrrolo[3,4-b]pyridine-6-sulfonimidoyl fluoride'
7 water water
#
loop_
_entity_poly.entity_id
_entity_poly.type
_entity_poly.pdbx_seq_one_letter_code
_entity_poly.pdbx_strand_id
1 'polypeptide(L)'
;GDTICIGYHANNSTDTVDTVLEKNVTVTHSVNLLEDSHNGKLCRLKGIAPLQLGKCNIAGWLLGNPECDPLLPVRSWSYI
VETPNSENGICYPGDFIDYEELREQLSSVSSFERFEIFPKESSWPNHNTNGVTAACSHEGKSSFYRNLLWLTEKEGSYPK
LKNSYVNKKGKEVLVLWGIHHPPNSKEQQNLYQNENAYVSVVTSNYNRRFTPEIAERPKVRDQAGRMNYYWTLLKPGDTI
IFEANGNLIAPMYAFALSRGFGSGIITSNASMHECNTKCQTPLGAINSSLPYQNIHPVTIGECPKYVRSAKLRMVTGLRN
IPSIQSR
;
A
2 'polypeptide(L)'
;GLFGAIAGFIEGGWTGMIDGWYGYHHQNEQGSGYAADQKSTQNAINGITNKVNTVIEKMNIQFTAVGKEFNKLEKRMENL
NKKVDDGFLDIWTYNAELLVLLENERTLDFHDSNVKNLYEKVKSQLKNNAKEIGNGCFEFYHKCDNECMESVRNGTYDYP
KYSEESKLNREKVDGV
;
B
#
loop_
_chem_comp.id
_chem_comp.type
_chem_comp.name
_chem_comp.formula
FIE non-polymer '(S~6~S)-N-{3-chloro-4-[(2S)-2-phenylmorpholine-4-carbonyl]phenyl}-5,7-dihydro-6H-pyrrolo[3,4-b]pyridine-6-sulfonimidoyl fluoride' 'C24 H22 Cl F N4 O3 S'
NAG D-saccharide, beta linking 2-acetamido-2-deoxy-beta-D-glucopyranose 'C8 H15 N O6'
NO3 non-polymer 'NITRATE ION' 'N O3 -1'
#
# COMPACT_ATOMS: atom_id res chain seq x y z
N ASP A 2 41.17 26.57 -38.29
CA ASP A 2 40.73 25.73 -37.14
C ASP A 2 39.50 26.35 -36.47
N THR A 3 38.58 25.52 -35.98
CA THR A 3 37.32 25.91 -35.27
C THR A 3 37.15 25.07 -34.00
N ILE A 4 36.63 25.67 -32.93
CA ILE A 4 36.29 25.00 -31.64
C ILE A 4 34.81 25.29 -31.33
N CYS A 5 34.07 24.25 -30.94
CA CYS A 5 32.60 24.29 -30.72
C CYS A 5 32.24 23.75 -29.33
N ILE A 6 31.27 24.38 -28.67
CA ILE A 6 30.60 23.85 -27.44
C ILE A 6 29.20 23.39 -27.85
N GLY A 7 28.82 22.20 -27.38
CA GLY A 7 27.52 21.56 -27.67
C GLY A 7 27.12 20.59 -26.56
N TYR A 8 26.06 19.82 -26.78
CA TYR A 8 25.41 19.04 -25.71
C TYR A 8 25.08 17.63 -26.22
N HIS A 9 24.90 16.71 -25.28
CA HIS A 9 24.71 15.26 -25.53
C HIS A 9 23.37 15.05 -26.24
N ALA A 10 23.37 14.09 -27.17
CA ALA A 10 22.16 13.43 -27.69
C ALA A 10 22.45 11.93 -27.76
N ASN A 11 21.42 11.10 -27.90
CA ASN A 11 21.57 9.63 -27.99
C ASN A 11 20.32 9.07 -28.69
N ASN A 12 20.11 7.75 -28.62
CA ASN A 12 19.01 7.07 -29.35
C ASN A 12 17.74 7.04 -28.51
N SER A 13 17.67 7.77 -27.39
CA SER A 13 16.57 7.69 -26.39
C SER A 13 15.24 8.04 -27.04
N THR A 14 14.21 7.26 -26.73
CA THR A 14 12.82 7.44 -27.22
C THR A 14 11.92 7.87 -26.06
N ASP A 15 12.47 8.02 -24.84
CA ASP A 15 11.71 8.40 -23.62
C ASP A 15 11.07 9.77 -23.81
N THR A 16 9.81 9.92 -23.40
CA THR A 16 9.05 11.19 -23.51
C THR A 16 8.64 11.60 -22.11
N VAL A 17 8.55 12.90 -21.85
CA VAL A 17 8.02 13.49 -20.58
C VAL A 17 7.12 14.66 -20.92
N ASP A 18 6.36 15.12 -19.93
CA ASP A 18 5.49 16.31 -20.08
C ASP A 18 6.11 17.40 -19.21
N THR A 19 5.91 18.64 -19.62
CA THR A 19 6.26 19.84 -18.83
C THR A 19 4.98 20.66 -18.72
N VAL A 20 5.05 21.86 -18.16
CA VAL A 20 3.87 22.76 -18.07
C VAL A 20 3.61 23.37 -19.46
N LEU A 21 4.66 23.89 -20.11
CA LEU A 21 4.59 24.62 -21.42
C LEU A 21 4.36 23.65 -22.59
N GLU A 22 4.86 22.41 -22.52
CA GLU A 22 4.86 21.44 -23.65
C GLU A 22 4.52 20.03 -23.16
N LYS A 23 4.43 19.07 -24.09
CA LYS A 23 4.26 17.65 -23.76
C LYS A 23 4.78 16.79 -24.89
N ASN A 24 4.84 15.48 -24.67
CA ASN A 24 5.51 14.52 -25.58
C ASN A 24 6.89 15.08 -25.94
N VAL A 25 7.61 15.66 -24.98
CA VAL A 25 9.01 16.16 -25.15
C VAL A 25 9.97 14.97 -25.02
N THR A 26 10.71 14.66 -26.09
CA THR A 26 11.69 13.54 -26.08
C THR A 26 13.01 14.00 -25.43
N VAL A 27 13.55 13.19 -24.51
CA VAL A 27 14.68 13.61 -23.62
C VAL A 27 15.74 12.50 -23.59
N THR A 28 16.98 12.88 -23.30
CA THR A 28 18.18 12.00 -23.40
C THR A 28 18.13 10.95 -22.28
N HIS A 29 17.79 11.39 -21.08
CA HIS A 29 17.74 10.54 -19.86
C HIS A 29 16.55 10.94 -19.01
N SER A 30 15.92 9.98 -18.34
CA SER A 30 14.75 10.22 -17.45
C SER A 30 14.57 9.04 -16.48
N VAL A 31 13.76 9.25 -15.43
CA VAL A 31 13.52 8.23 -14.37
C VAL A 31 12.02 8.12 -14.10
N ASN A 32 11.53 6.87 -14.04
CA ASN A 32 10.10 6.56 -13.74
C ASN A 32 9.91 6.61 -12.22
N LEU A 33 8.91 7.33 -11.75
CA LEU A 33 8.62 7.45 -10.30
C LEU A 33 7.36 6.66 -9.92
N LEU A 34 6.58 6.16 -10.87
CA LEU A 34 5.25 5.54 -10.64
C LEU A 34 5.35 4.03 -10.84
N GLU A 35 5.35 3.27 -9.75
CA GLU A 35 5.45 1.80 -9.77
C GLU A 35 4.11 1.21 -10.20
N ASP A 36 4.13 0.38 -11.24
CA ASP A 36 2.90 -0.21 -11.82
C ASP A 36 3.06 -1.73 -11.91
N SER A 37 4.21 -2.27 -11.47
CA SER A 37 4.52 -3.71 -11.55
C SER A 37 4.37 -4.39 -10.18
N HIS A 38 3.59 -5.48 -10.15
CA HIS A 38 3.53 -6.42 -9.00
C HIS A 38 3.55 -7.86 -9.51
N ASN A 39 3.74 -8.81 -8.60
CA ASN A 39 4.03 -10.23 -8.94
C ASN A 39 2.76 -11.08 -8.87
N GLY A 40 1.60 -10.50 -8.58
CA GLY A 40 0.32 -11.23 -8.66
C GLY A 40 0.22 -12.37 -7.66
N LYS A 41 0.96 -12.31 -6.55
CA LYS A 41 0.97 -13.36 -5.51
C LYS A 41 0.68 -12.75 -4.14
N LEU A 42 0.05 -13.51 -3.24
CA LEU A 42 0.11 -13.24 -1.78
C LEU A 42 1.46 -13.75 -1.27
N CYS A 43 2.15 -12.93 -0.50
CA CYS A 43 3.50 -13.28 0.02
C CYS A 43 3.57 -13.08 1.53
N ARG A 44 4.60 -13.66 2.16
CA ARG A 44 4.93 -13.39 3.55
C ARG A 44 5.29 -11.91 3.64
N LEU A 45 4.95 -11.27 4.75
CA LEU A 45 5.31 -9.87 5.01
C LEU A 45 6.38 -9.83 6.10
N LYS A 46 7.58 -9.38 5.77
CA LYS A 46 8.73 -9.30 6.70
C LYS A 46 8.91 -10.63 7.43
N GLY A 47 8.77 -11.76 6.72
CA GLY A 47 9.06 -13.10 7.25
C GLY A 47 7.84 -13.82 7.75
N ILE A 48 6.74 -13.11 8.00
CA ILE A 48 5.53 -13.68 8.64
C ILE A 48 4.42 -13.87 7.60
N ALA A 49 3.90 -15.08 7.48
CA ALA A 49 2.80 -15.45 6.56
C ALA A 49 1.49 -14.80 6.99
N PRO A 50 0.59 -14.49 6.04
CA PRO A 50 -0.77 -14.10 6.36
C PRO A 50 -1.68 -15.24 6.82
N LEU A 51 -2.82 -14.87 7.43
CA LEU A 51 -3.91 -15.80 7.79
C LEU A 51 -4.91 -15.90 6.64
N GLN A 52 -5.02 -17.08 6.03
CA GLN A 52 -6.00 -17.31 4.93
C GLN A 52 -7.22 -18.03 5.50
N LEU A 53 -8.36 -17.36 5.47
CA LEU A 53 -9.64 -17.88 6.01
C LEU A 53 -10.30 -18.83 5.01
N GLY A 54 -9.84 -18.86 3.75
CA GLY A 54 -10.35 -19.80 2.73
C GLY A 54 -11.82 -19.57 2.44
N LYS A 55 -12.65 -20.62 2.63
CA LYS A 55 -14.10 -20.56 2.34
C LYS A 55 -14.83 -19.81 3.47
N CYS A 56 -14.14 -19.08 4.33
CA CYS A 56 -14.73 -18.51 5.57
C CYS A 56 -14.55 -17.00 5.59
N ASN A 57 -15.39 -16.32 6.34
CA ASN A 57 -15.27 -14.87 6.62
C ASN A 57 -15.04 -14.72 8.14
N ILE A 58 -14.55 -13.57 8.58
CA ILE A 58 -14.23 -13.37 10.02
C ILE A 58 -15.38 -14.03 10.82
N ALA A 59 -16.64 -13.78 10.44
CA ALA A 59 -17.80 -14.30 11.20
C ALA A 59 -17.72 -15.83 11.22
N GLY A 60 -17.59 -16.47 10.07
CA GLY A 60 -17.57 -17.93 10.03
C GLY A 60 -16.42 -18.46 10.85
N TRP A 61 -15.26 -17.85 10.71
CA TRP A 61 -14.03 -18.30 11.39
C TRP A 61 -14.21 -18.26 12.91
N LEU A 62 -14.57 -17.11 13.48
CA LEU A 62 -14.61 -16.92 14.95
C LEU A 62 -15.72 -17.75 15.61
N LEU A 63 -16.87 -17.90 14.95
CA LEU A 63 -17.96 -18.76 15.44
C LEU A 63 -17.60 -20.23 15.21
N GLY A 64 -16.75 -20.54 14.23
CA GLY A 64 -16.40 -21.92 13.83
C GLY A 64 -17.51 -22.59 13.03
N ASN A 65 -17.96 -21.95 11.94
CA ASN A 65 -18.86 -22.58 10.93
C ASN A 65 -18.26 -23.92 10.49
N PRO A 66 -18.99 -25.05 10.69
CA PRO A 66 -18.47 -26.37 10.36
C PRO A 66 -17.97 -26.57 8.90
N GLU A 67 -18.52 -25.83 7.94
CA GLU A 67 -18.17 -25.97 6.50
C GLU A 67 -16.74 -25.49 6.25
N CYS A 68 -16.16 -24.74 7.20
CA CYS A 68 -14.82 -24.13 7.08
C CYS A 68 -13.77 -25.11 7.61
N ASP A 69 -12.74 -25.41 6.83
CA ASP A 69 -11.64 -26.33 7.25
C ASP A 69 -11.02 -25.77 8.53
N PRO A 70 -10.86 -26.58 9.59
CA PRO A 70 -10.31 -26.09 10.85
C PRO A 70 -8.82 -25.68 10.80
N LEU A 71 -8.56 -24.44 11.19
CA LEU A 71 -7.21 -23.87 11.32
C LEU A 71 -6.48 -24.55 12.50
N LEU A 72 -5.17 -24.34 12.62
CA LEU A 72 -4.37 -24.80 13.78
C LEU A 72 -4.91 -24.14 15.05
N PRO A 73 -4.61 -24.71 16.24
CA PRO A 73 -5.08 -24.13 17.51
C PRO A 73 -4.35 -22.82 17.84
N VAL A 74 -3.20 -22.59 17.19
CA VAL A 74 -2.35 -21.38 17.40
C VAL A 74 -1.77 -20.94 16.05
N ARG A 75 -1.90 -19.65 15.72
CA ARG A 75 -1.38 -19.06 14.45
C ARG A 75 -0.86 -17.64 14.71
N SER A 76 0.05 -17.17 13.86
CA SER A 76 0.50 -15.74 13.84
C SER A 76 0.43 -15.25 12.40
N TRP A 77 0.27 -13.94 12.21
CA TRP A 77 0.13 -13.43 10.83
C TRP A 77 0.52 -11.97 10.76
N SER A 78 0.79 -11.53 9.53
CA SER A 78 1.17 -10.15 9.18
C SER A 78 -0.06 -9.42 8.68
N TYR A 79 -1.05 -10.16 8.16
CA TYR A 79 -2.35 -9.60 7.73
C TYR A 79 -3.34 -10.73 7.48
N ILE A 80 -4.62 -10.39 7.36
CA ILE A 80 -5.72 -11.38 7.23
C ILE A 80 -6.30 -11.31 5.82
N VAL A 81 -6.46 -12.47 5.20
CA VAL A 81 -7.06 -12.57 3.84
C VAL A 81 -8.39 -13.32 3.92
N GLU A 82 -9.48 -12.61 3.60
CA GLU A 82 -10.79 -13.18 3.21
C GLU A 82 -10.78 -13.32 1.69
N THR A 83 -11.63 -14.16 1.13
CA THR A 83 -11.72 -14.26 -0.35
C THR A 83 -13.01 -13.57 -0.77
N PRO A 84 -13.10 -13.14 -2.04
CA PRO A 84 -14.36 -12.62 -2.57
C PRO A 84 -15.52 -13.63 -2.39
N ASN A 85 -15.21 -14.94 -2.36
CA ASN A 85 -16.19 -16.06 -2.25
C ASN A 85 -16.46 -16.35 -0.76
N SER A 86 -16.95 -15.36 -0.01
CA SER A 86 -17.28 -15.47 1.43
C SER A 86 -18.55 -16.30 1.57
N GLU A 87 -18.41 -17.61 1.36
CA GLU A 87 -19.51 -18.60 1.18
C GLU A 87 -20.02 -19.08 2.55
N ASN A 88 -19.13 -19.12 3.53
CA ASN A 88 -19.44 -19.65 4.87
C ASN A 88 -19.19 -18.54 5.89
N GLY A 89 -20.26 -17.96 6.42
CA GLY A 89 -20.17 -16.92 7.47
C GLY A 89 -21.04 -17.30 8.64
N ILE A 90 -22.03 -16.47 8.95
CA ILE A 90 -23.17 -16.83 9.85
C ILE A 90 -23.92 -17.98 9.17
N CYS A 91 -24.14 -19.11 9.84
CA CYS A 91 -24.92 -20.23 9.26
C CYS A 91 -26.34 -20.24 9.85
N TYR A 92 -26.51 -19.91 11.12
CA TYR A 92 -27.85 -19.78 11.73
C TYR A 92 -28.25 -18.31 11.75
N PRO A 93 -29.37 -17.90 11.10
CA PRO A 93 -29.63 -16.49 10.88
C PRO A 93 -29.86 -15.68 12.16
N GLY A 94 -29.40 -14.43 12.12
CA GLY A 94 -29.55 -13.40 13.18
C GLY A 94 -28.54 -12.28 12.99
N ASP A 95 -28.30 -11.48 14.03
CA ASP A 95 -27.37 -10.33 13.96
C ASP A 95 -26.09 -10.66 14.72
N PHE A 96 -24.96 -10.26 14.17
CA PHE A 96 -23.65 -10.31 14.85
C PHE A 96 -23.42 -8.91 15.40
N ILE A 97 -23.63 -8.76 16.70
CA ILE A 97 -23.69 -7.41 17.31
C ILE A 97 -22.26 -6.86 17.37
N ASP A 98 -22.12 -5.60 16.96
CA ASP A 98 -20.81 -4.89 16.90
C ASP A 98 -19.83 -5.72 16.06
N TYR A 99 -20.26 -6.25 14.91
CA TYR A 99 -19.42 -7.12 14.04
C TYR A 99 -18.27 -6.30 13.45
N GLU A 100 -18.58 -5.11 12.95
CA GLU A 100 -17.58 -4.22 12.29
C GLU A 100 -16.53 -3.82 13.33
N GLU A 101 -16.93 -3.54 14.56
CA GLU A 101 -15.99 -3.17 15.64
C GLU A 101 -15.06 -4.35 15.92
N LEU A 102 -15.57 -5.57 15.89
CA LEU A 102 -14.70 -6.75 16.17
C LEU A 102 -13.65 -6.91 15.06
N ARG A 103 -14.05 -6.74 13.80
CA ARG A 103 -13.12 -6.75 12.64
C ARG A 103 -12.01 -5.72 12.87
N GLU A 104 -12.38 -4.51 13.30
CA GLU A 104 -11.39 -3.42 13.54
C GLU A 104 -10.44 -3.87 14.65
N GLN A 105 -10.97 -4.57 15.64
CA GLN A 105 -10.15 -5.09 16.78
C GLN A 105 -9.17 -6.12 16.22
N LEU A 106 -9.63 -6.94 15.30
CA LEU A 106 -8.79 -8.04 14.76
C LEU A 106 -7.69 -7.46 13.88
N SER A 107 -7.90 -6.28 13.30
CA SER A 107 -6.93 -5.61 12.41
C SER A 107 -5.61 -5.35 13.14
N SER A 108 -5.64 -5.26 14.46
CA SER A 108 -4.43 -4.97 15.29
C SER A 108 -4.03 -6.21 16.08
N VAL A 109 -4.53 -7.39 15.71
CA VAL A 109 -4.22 -8.68 16.40
C VAL A 109 -3.19 -9.43 15.57
N SER A 110 -2.12 -9.90 16.23
CA SER A 110 -0.93 -10.53 15.60
C SER A 110 -0.94 -12.06 15.75
N SER A 111 -1.67 -12.61 16.71
CA SER A 111 -1.81 -14.09 16.87
C SER A 111 -3.00 -14.43 17.76
N PHE A 112 -3.39 -15.69 17.77
CA PHE A 112 -4.38 -16.21 18.74
C PHE A 112 -4.03 -17.64 19.17
N GLU A 113 -4.46 -17.99 20.38
CA GLU A 113 -4.61 -19.38 20.86
C GLU A 113 -6.10 -19.69 20.99
N ARG A 114 -6.60 -20.62 20.20
CA ARG A 114 -7.97 -21.17 20.40
C ARG A 114 -7.89 -22.21 21.52
N PHE A 115 -8.66 -22.05 22.59
CA PHE A 115 -8.62 -22.94 23.79
C PHE A 115 -10.02 -23.23 24.33
N GLU A 116 -10.14 -24.33 25.08
CA GLU A 116 -11.45 -24.82 25.60
C GLU A 116 -11.82 -24.01 26.85
N ILE A 117 -12.59 -22.94 26.70
CA ILE A 117 -12.89 -22.01 27.82
C ILE A 117 -13.83 -22.72 28.79
N PHE A 118 -14.85 -23.39 28.26
CA PHE A 118 -15.81 -24.17 29.06
C PHE A 118 -15.92 -25.54 28.41
N PRO A 119 -15.11 -26.52 28.91
CA PRO A 119 -15.14 -27.90 28.43
C PRO A 119 -16.56 -28.50 28.34
N LYS A 120 -16.88 -29.08 27.19
CA LYS A 120 -18.22 -29.58 26.81
C LYS A 120 -18.78 -30.53 27.88
N GLU A 121 -17.99 -31.51 28.32
CA GLU A 121 -18.39 -32.60 29.23
C GLU A 121 -18.70 -32.05 30.63
N SER A 122 -17.82 -31.23 31.23
CA SER A 122 -17.87 -30.85 32.67
C SER A 122 -18.70 -29.58 32.91
N SER A 123 -18.69 -28.62 31.99
CA SER A 123 -19.06 -27.22 32.30
C SER A 123 -20.57 -27.05 32.49
N TRP A 124 -21.41 -27.91 31.89
CA TRP A 124 -22.88 -27.68 31.87
C TRP A 124 -23.64 -28.91 32.35
N PRO A 125 -23.49 -29.31 33.64
CA PRO A 125 -24.38 -30.30 34.24
C PRO A 125 -25.86 -29.97 34.04
N ASN A 126 -26.66 -31.03 33.95
CA ASN A 126 -28.15 -30.98 33.91
C ASN A 126 -28.67 -30.19 32.71
N HIS A 127 -27.90 -30.08 31.62
CA HIS A 127 -28.40 -29.55 30.33
C HIS A 127 -27.92 -30.43 29.19
N ASN A 128 -28.74 -30.55 28.14
CA ASN A 128 -28.29 -31.22 26.89
C ASN A 128 -27.39 -30.27 26.10
N THR A 129 -26.34 -30.81 25.47
CA THR A 129 -25.31 -30.07 24.69
C THR A 129 -25.25 -30.57 23.25
N ASN A 130 -26.21 -31.40 22.84
CA ASN A 130 -26.19 -32.16 21.56
C ASN A 130 -26.82 -31.32 20.44
N GLY A 131 -27.41 -30.16 20.77
CA GLY A 131 -28.23 -29.37 19.83
C GLY A 131 -27.51 -29.13 18.53
N VAL A 132 -28.13 -29.47 17.41
CA VAL A 132 -27.61 -29.18 16.04
C VAL A 132 -28.75 -28.63 15.19
N THR A 133 -28.44 -28.19 13.96
CA THR A 133 -29.40 -27.51 13.06
C THR A 133 -28.96 -27.72 11.61
N ALA A 134 -29.93 -27.80 10.70
CA ALA A 134 -29.70 -28.02 9.26
C ALA A 134 -29.16 -26.72 8.63
N ALA A 135 -29.39 -25.57 9.27
CA ALA A 135 -28.81 -24.27 8.84
C ALA A 135 -27.27 -24.31 8.90
N CYS A 136 -26.68 -25.07 9.83
CA CYS A 136 -25.22 -25.19 10.00
C CYS A 136 -24.83 -26.63 9.64
N SER A 137 -25.03 -26.96 8.36
CA SER A 137 -24.78 -28.30 7.81
C SER A 137 -23.28 -28.56 7.66
N HIS A 138 -22.88 -29.82 7.86
CA HIS A 138 -21.53 -30.36 7.57
C HIS A 138 -21.66 -31.73 6.91
N GLU A 139 -21.10 -31.86 5.69
CA GLU A 139 -21.19 -33.09 4.86
C GLU A 139 -22.63 -33.63 4.94
N GLY A 140 -23.61 -32.75 4.66
CA GLY A 140 -25.01 -33.14 4.51
C GLY A 140 -25.70 -33.37 5.84
N LYS A 141 -24.96 -33.70 6.91
CA LYS A 141 -25.54 -33.90 8.26
C LYS A 141 -25.71 -32.56 8.99
N SER A 142 -26.83 -32.36 9.67
CA SER A 142 -27.08 -31.25 10.62
C SER A 142 -25.93 -31.19 11.64
N SER A 143 -25.40 -29.99 11.90
CA SER A 143 -24.25 -29.75 12.79
C SER A 143 -24.44 -28.41 13.50
N PHE A 144 -23.36 -27.88 14.08
CA PHE A 144 -23.38 -26.58 14.80
C PHE A 144 -21.97 -25.97 14.81
N TYR A 145 -21.89 -24.68 15.13
CA TYR A 145 -20.62 -23.95 15.34
C TYR A 145 -19.70 -24.73 16.26
N ARG A 146 -18.41 -24.80 15.93
CA ARG A 146 -17.42 -25.60 16.68
C ARG A 146 -17.09 -24.89 18.00
N ASN A 147 -17.31 -23.59 18.08
CA ASN A 147 -16.83 -22.79 19.23
C ASN A 147 -17.99 -22.41 20.14
N LEU A 148 -19.21 -22.78 19.77
CA LEU A 148 -20.39 -22.54 20.63
C LEU A 148 -21.08 -23.86 20.91
N LEU A 149 -22.00 -23.85 21.86
CA LEU A 149 -22.70 -25.07 22.33
C LEU A 149 -24.17 -24.73 22.54
N TRP A 150 -25.06 -25.46 21.89
CA TRP A 150 -26.51 -25.23 22.04
C TRP A 150 -27.03 -25.99 23.28
N LEU A 151 -27.17 -25.28 24.39
CA LEU A 151 -27.72 -25.83 25.65
C LEU A 151 -29.23 -25.84 25.51
N THR A 152 -29.83 -27.00 25.76
CA THR A 152 -31.29 -27.23 25.79
C THR A 152 -31.66 -28.03 27.03
N GLU A 153 -32.96 -28.13 27.28
CA GLU A 153 -33.56 -28.96 28.36
C GLU A 153 -32.90 -30.33 28.40
N LYS A 154 -32.85 -30.91 29.59
CA LYS A 154 -32.49 -32.33 29.80
C LYS A 154 -33.53 -32.93 30.74
N GLU A 155 -34.18 -34.03 30.34
CA GLU A 155 -35.23 -34.71 31.16
C GLU A 155 -36.27 -33.70 31.64
N GLY A 156 -36.70 -32.80 30.73
CA GLY A 156 -37.84 -31.88 30.89
C GLY A 156 -37.49 -30.68 31.75
N SER A 157 -36.23 -30.53 32.15
CA SER A 157 -35.82 -29.40 33.01
C SER A 157 -34.65 -28.64 32.36
N TYR A 158 -34.68 -27.31 32.46
CA TYR A 158 -33.54 -26.42 32.16
C TYR A 158 -33.20 -25.70 33.46
N PRO A 159 -32.36 -26.29 34.32
CA PRO A 159 -31.97 -25.63 35.55
C PRO A 159 -31.24 -24.33 35.22
N LYS A 160 -31.49 -23.31 36.03
CA LYS A 160 -30.69 -22.07 36.04
C LYS A 160 -29.22 -22.45 36.15
N LEU A 161 -28.40 -21.95 35.23
CA LEU A 161 -26.95 -22.25 35.22
C LEU A 161 -26.16 -20.98 35.56
N LYS A 162 -24.99 -21.19 36.12
CA LYS A 162 -24.05 -20.09 36.46
C LYS A 162 -22.66 -20.68 36.35
N ASN A 163 -21.85 -20.11 35.46
CA ASN A 163 -20.47 -20.56 35.22
C ASN A 163 -19.62 -19.32 34.98
N SER A 164 -18.37 -19.36 35.42
CA SER A 164 -17.42 -18.26 35.29
C SER A 164 -16.06 -18.83 34.91
N TYR A 165 -15.29 -18.07 34.13
CA TYR A 165 -13.92 -18.39 33.73
C TYR A 165 -13.04 -17.22 34.13
N VAL A 166 -11.87 -17.51 34.70
CA VAL A 166 -10.87 -16.48 35.05
C VAL A 166 -9.75 -16.51 34.02
N ASN A 167 -9.44 -15.35 33.45
CA ASN A 167 -8.39 -15.18 32.42
C ASN A 167 -7.00 -15.24 33.06
N LYS A 168 -6.36 -16.40 33.08
CA LYS A 168 -4.96 -16.54 33.56
C LYS A 168 -4.01 -16.80 32.36
N LYS A 169 -4.35 -16.27 31.17
CA LYS A 169 -3.59 -16.47 29.91
C LYS A 169 -2.52 -15.38 29.74
N GLY A 170 -2.62 -14.29 30.50
CA GLY A 170 -1.75 -13.10 30.35
C GLY A 170 -1.97 -12.38 29.02
N LYS A 171 -3.11 -12.61 28.36
CA LYS A 171 -3.51 -11.92 27.10
C LYS A 171 -4.99 -11.58 27.21
N GLU A 172 -5.49 -10.59 26.48
CA GLU A 172 -6.94 -10.40 26.26
C GLU A 172 -7.50 -11.73 25.77
N VAL A 173 -8.66 -12.12 26.28
CA VAL A 173 -9.37 -13.32 25.81
C VAL A 173 -10.67 -12.89 25.14
N LEU A 174 -10.80 -13.21 23.86
CA LEU A 174 -12.05 -12.92 23.11
C LEU A 174 -13.03 -14.07 23.40
N VAL A 175 -14.12 -13.77 24.08
CA VAL A 175 -15.23 -14.74 24.33
C VAL A 175 -16.40 -14.34 23.44
N LEU A 176 -16.95 -15.32 22.71
CA LEU A 176 -18.19 -15.18 21.93
C LEU A 176 -19.25 -16.09 22.54
N TRP A 177 -20.51 -15.72 22.34
CA TRP A 177 -21.68 -16.49 22.78
C TRP A 177 -22.85 -16.07 21.91
N GLY A 178 -24.01 -16.69 22.11
CA GLY A 178 -25.19 -16.46 21.28
C GLY A 178 -26.44 -16.47 22.12
N ILE A 179 -27.49 -15.85 21.63
CA ILE A 179 -28.84 -15.86 22.25
C ILE A 179 -29.80 -16.36 21.17
N HIS A 180 -30.59 -17.39 21.49
CA HIS A 180 -31.54 -18.00 20.53
C HIS A 180 -32.92 -17.42 20.77
N HIS A 181 -33.59 -17.01 19.70
CA HIS A 181 -34.95 -16.43 19.74
C HIS A 181 -35.86 -17.36 18.94
N PRO A 182 -36.57 -18.29 19.63
CA PRO A 182 -37.55 -19.16 18.97
C PRO A 182 -38.66 -18.38 18.29
N PRO A 183 -39.29 -18.98 17.26
CA PRO A 183 -40.37 -18.31 16.54
C PRO A 183 -41.69 -18.31 17.31
N ASN A 184 -41.86 -19.17 18.30
CA ASN A 184 -43.18 -19.31 19.00
C ASN A 184 -42.98 -19.85 20.40
N SER A 185 -44.02 -19.69 21.23
CA SER A 185 -44.01 -20.01 22.68
C SER A 185 -43.88 -21.53 22.90
N LYS A 186 -44.40 -22.38 22.00
CA LYS A 186 -44.29 -23.85 22.13
C LYS A 186 -42.80 -24.29 22.03
N GLU A 187 -42.04 -23.80 21.06
CA GLU A 187 -40.61 -24.17 20.89
C GLU A 187 -39.84 -23.69 22.12
N GLN A 188 -40.05 -22.44 22.56
CA GLN A 188 -39.44 -21.91 23.82
C GLN A 188 -39.65 -22.90 24.95
N GLN A 189 -40.91 -23.32 25.17
CA GLN A 189 -41.29 -24.29 26.24
C GLN A 189 -40.44 -25.55 26.06
N ASN A 190 -40.48 -26.17 24.88
CA ASN A 190 -39.80 -27.46 24.58
C ASN A 190 -38.31 -27.36 24.89
N LEU A 191 -37.64 -26.32 24.41
CA LEU A 191 -36.16 -26.20 24.47
C LEU A 191 -35.71 -25.78 25.87
N TYR A 192 -36.42 -24.88 26.55
CA TYR A 192 -35.91 -24.22 27.80
C TYR A 192 -36.94 -24.26 28.94
N GLN A 193 -38.19 -24.68 28.72
CA GLN A 193 -39.22 -24.91 29.78
C GLN A 193 -39.66 -23.59 30.42
N ASN A 194 -38.75 -22.66 30.70
CA ASN A 194 -39.06 -21.37 31.37
C ASN A 194 -39.56 -20.39 30.29
N GLU A 195 -40.84 -20.03 30.31
CA GLU A 195 -41.44 -19.14 29.28
C GLU A 195 -40.82 -17.75 29.40
N ASN A 196 -40.42 -17.33 30.60
CA ASN A 196 -39.84 -15.99 30.88
C ASN A 196 -38.33 -16.09 31.17
N ALA A 197 -37.57 -16.75 30.29
CA ALA A 197 -36.12 -16.94 30.49
C ALA A 197 -35.36 -15.63 30.29
N TYR A 198 -34.13 -15.58 30.79
CA TYR A 198 -33.13 -14.51 30.58
C TYR A 198 -31.72 -15.12 30.47
N VAL A 199 -30.79 -14.33 29.92
CA VAL A 199 -29.33 -14.61 29.98
C VAL A 199 -28.62 -13.36 30.48
N SER A 200 -27.62 -13.52 31.35
CA SER A 200 -26.75 -12.43 31.83
C SER A 200 -25.30 -12.82 31.55
N VAL A 201 -24.51 -11.85 31.10
CA VAL A 201 -23.04 -11.99 30.94
C VAL A 201 -22.40 -10.78 31.61
N VAL A 202 -21.39 -11.00 32.44
CA VAL A 202 -20.76 -9.92 33.24
C VAL A 202 -19.26 -10.10 33.28
N THR A 203 -18.56 -8.98 33.21
CA THR A 203 -17.14 -8.84 33.59
C THR A 203 -17.01 -7.58 34.43
N SER A 204 -15.78 -7.15 34.67
CA SER A 204 -15.43 -5.90 35.37
C SER A 204 -15.92 -4.69 34.57
N ASN A 205 -16.04 -4.80 33.24
CA ASN A 205 -16.35 -3.65 32.37
C ASN A 205 -17.39 -4.05 31.31
N TYR A 206 -18.02 -5.21 31.45
CA TYR A 206 -19.12 -5.65 30.54
C TYR A 206 -20.26 -6.14 31.42
N ASN A 207 -21.47 -5.68 31.13
CA ASN A 207 -22.68 -6.08 31.88
C ASN A 207 -23.84 -6.01 30.90
N ARG A 208 -24.44 -7.13 30.54
CA ARG A 208 -25.60 -7.11 29.63
C ARG A 208 -26.53 -8.29 29.96
N ARG A 209 -27.84 -8.01 29.96
CA ARG A 209 -28.92 -9.01 30.17
C ARG A 209 -29.59 -9.18 28.82
N PHE A 210 -29.92 -10.40 28.45
CA PHE A 210 -30.58 -10.76 27.18
C PHE A 210 -31.91 -11.45 27.50
N THR A 211 -33.02 -10.98 26.91
CA THR A 211 -34.35 -11.61 27.06
C THR A 211 -34.81 -12.01 25.67
N PRO A 212 -35.36 -13.22 25.48
CA PRO A 212 -35.78 -13.66 24.16
C PRO A 212 -36.95 -12.84 23.62
N GLU A 213 -37.04 -12.72 22.31
CA GLU A 213 -38.15 -12.02 21.63
C GLU A 213 -38.80 -13.05 20.71
N ILE A 214 -40.00 -13.49 21.09
CA ILE A 214 -40.75 -14.58 20.41
C ILE A 214 -41.66 -13.98 19.34
N ALA A 215 -41.49 -14.39 18.08
CA ALA A 215 -42.37 -13.97 16.98
C ALA A 215 -42.13 -14.87 15.76
N GLU A 216 -43.18 -15.09 14.99
CA GLU A 216 -43.08 -15.78 13.68
C GLU A 216 -42.34 -14.81 12.75
N ARG A 217 -41.13 -15.15 12.36
CA ARG A 217 -40.38 -14.37 11.37
C ARG A 217 -40.36 -15.14 10.06
N PRO A 218 -40.18 -14.45 8.92
CA PRO A 218 -39.90 -15.11 7.65
C PRO A 218 -38.74 -16.10 7.75
N LYS A 219 -38.81 -17.19 6.99
CA LYS A 219 -37.75 -18.23 7.00
C LYS A 219 -36.49 -17.64 6.36
N VAL A 220 -35.35 -17.85 7.00
CA VAL A 220 -33.98 -17.60 6.46
C VAL A 220 -33.17 -18.86 6.68
N ARG A 221 -32.59 -19.43 5.63
CA ARG A 221 -31.96 -20.79 5.63
C ARG A 221 -32.89 -21.78 6.37
N ASP A 222 -34.20 -21.69 6.14
CA ASP A 222 -35.25 -22.64 6.63
C ASP A 222 -35.55 -22.39 8.11
N GLN A 223 -35.08 -21.32 8.70
CA GLN A 223 -35.34 -21.06 10.14
C GLN A 223 -36.19 -19.81 10.26
N ALA A 224 -37.28 -19.92 11.02
CA ALA A 224 -38.13 -18.78 11.44
C ALA A 224 -37.53 -18.18 12.70
N GLY A 225 -36.75 -18.97 13.42
CA GLY A 225 -36.05 -18.54 14.65
C GLY A 225 -34.85 -17.69 14.31
N ARG A 226 -34.25 -17.09 15.32
CA ARG A 226 -33.05 -16.24 15.12
C ARG A 226 -32.05 -16.51 16.24
N MET A 227 -30.80 -16.22 15.93
CA MET A 227 -29.68 -16.35 16.88
C MET A 227 -28.85 -15.07 16.80
N ASN A 228 -28.78 -14.32 17.88
CA ASN A 228 -27.91 -13.12 17.96
C ASN A 228 -26.56 -13.49 18.58
N TYR A 229 -25.48 -12.94 18.04
CA TYR A 229 -24.12 -13.32 18.42
C TYR A 229 -23.46 -12.11 19.08
N TYR A 230 -22.81 -12.34 20.21
CA TYR A 230 -22.21 -11.28 21.05
C TYR A 230 -20.77 -11.66 21.39
N TRP A 231 -19.97 -10.66 21.70
CA TRP A 231 -18.55 -10.90 22.06
C TRP A 231 -18.08 -9.85 23.07
N THR A 232 -17.02 -10.17 23.80
CA THR A 232 -16.29 -9.15 24.59
C THR A 232 -14.82 -9.56 24.70
N LEU A 233 -13.96 -8.61 25.04
CA LEU A 233 -12.52 -8.87 25.32
C LEU A 233 -12.36 -8.90 26.82
N LEU A 234 -12.07 -10.07 27.37
CA LEU A 234 -11.88 -10.26 28.83
C LEU A 234 -10.45 -9.88 29.15
N LYS A 235 -10.23 -8.80 29.92
CA LYS A 235 -8.87 -8.30 30.25
C LYS A 235 -8.12 -9.40 30.99
N PRO A 236 -6.77 -9.44 30.87
CA PRO A 236 -5.95 -10.33 31.69
C PRO A 236 -6.29 -10.20 33.17
N GLY A 237 -6.50 -11.34 33.84
CA GLY A 237 -6.82 -11.44 35.28
C GLY A 237 -8.30 -11.29 35.60
N ASP A 238 -9.11 -10.79 34.66
CA ASP A 238 -10.55 -10.52 34.86
C ASP A 238 -11.36 -11.82 34.75
N THR A 239 -12.60 -11.80 35.23
CA THR A 239 -13.52 -12.97 35.22
C THR A 239 -14.76 -12.68 34.37
N ILE A 240 -15.19 -13.63 33.54
CA ILE A 240 -16.52 -13.57 32.86
C ILE A 240 -17.48 -14.56 33.53
N ILE A 241 -18.71 -14.14 33.80
CA ILE A 241 -19.73 -14.99 34.46
C ILE A 241 -20.92 -15.09 33.51
N PHE A 242 -21.38 -16.30 33.28
CA PHE A 242 -22.62 -16.59 32.53
C PHE A 242 -23.67 -17.03 33.54
N GLU A 243 -24.82 -16.38 33.50
CA GLU A 243 -26.07 -16.90 34.13
C GLU A 243 -27.11 -17.01 33.04
N ALA A 244 -27.91 -18.06 33.08
CA ALA A 244 -29.01 -18.28 32.11
C ALA A 244 -30.02 -19.25 32.71
N ASN A 245 -31.28 -19.09 32.33
CA ASN A 245 -32.33 -20.11 32.56
C ASN A 245 -32.97 -20.42 31.22
N GLY A 246 -32.26 -20.10 30.13
CA GLY A 246 -32.67 -20.49 28.78
C GLY A 246 -31.95 -19.69 27.73
N ASN A 247 -31.95 -20.17 26.48
CA ASN A 247 -31.69 -19.38 25.27
C ASN A 247 -30.19 -19.07 25.12
N LEU A 248 -29.33 -19.54 26.03
CA LEU A 248 -27.89 -19.22 25.93
C LEU A 248 -27.25 -20.23 24.97
N ILE A 249 -26.54 -19.71 23.98
CA ILE A 249 -25.63 -20.50 23.13
C ILE A 249 -24.24 -20.33 23.74
N ALA A 250 -23.81 -21.28 24.54
CA ALA A 250 -22.69 -21.08 25.46
C ALA A 250 -21.37 -21.08 24.71
N PRO A 251 -20.39 -20.28 25.18
CA PRO A 251 -19.03 -20.40 24.71
C PRO A 251 -18.48 -21.79 25.05
N MET A 252 -17.75 -22.39 24.12
CA MET A 252 -16.95 -23.62 24.40
C MET A 252 -15.46 -23.33 24.19
N TYR A 253 -15.13 -22.78 23.02
CA TYR A 253 -13.75 -22.36 22.67
C TYR A 253 -13.71 -20.84 22.62
N ALA A 254 -12.59 -20.26 23.05
CA ALA A 254 -12.33 -18.81 23.00
C ALA A 254 -10.90 -18.63 22.49
N PHE A 255 -10.46 -17.38 22.31
CA PHE A 255 -9.17 -17.02 21.67
C PHE A 255 -8.37 -16.08 22.58
N ALA A 256 -7.17 -16.50 22.98
CA ALA A 256 -6.20 -15.60 23.63
C ALA A 256 -5.52 -14.76 22.54
N LEU A 257 -5.75 -13.45 22.53
CA LEU A 257 -5.24 -12.54 21.47
C LEU A 257 -3.96 -11.83 21.90
N SER A 258 -2.96 -11.81 21.01
CA SER A 258 -1.77 -10.93 21.06
C SER A 258 -1.93 -9.77 20.06
N ARG A 259 -1.57 -8.55 20.47
CA ARG A 259 -1.66 -7.34 19.61
C ARG A 259 -0.35 -7.12 18.87
N GLY A 260 -0.42 -6.68 17.61
CA GLY A 260 0.77 -6.28 16.85
C GLY A 260 0.53 -5.01 16.07
N PHE A 261 1.50 -4.65 15.24
CA PHE A 261 1.57 -3.37 14.48
C PHE A 261 1.49 -3.66 12.98
N GLY A 262 0.80 -2.79 12.24
CA GLY A 262 0.84 -2.69 10.77
C GLY A 262 0.00 -3.75 10.06
N SER A 263 -0.93 -4.40 10.75
CA SER A 263 -1.79 -5.45 10.17
C SER A 263 -3.08 -4.84 9.63
N GLY A 264 -3.86 -5.67 8.95
CA GLY A 264 -5.20 -5.31 8.48
C GLY A 264 -5.88 -6.51 7.84
N ILE A 265 -7.12 -6.32 7.39
CA ILE A 265 -7.90 -7.37 6.68
C ILE A 265 -8.03 -6.92 5.23
N ILE A 266 -7.71 -7.79 4.28
CA ILE A 266 -7.91 -7.48 2.84
C ILE A 266 -8.69 -8.62 2.20
N THR A 267 -9.37 -8.34 1.09
CA THR A 267 -10.05 -9.37 0.24
C THR A 267 -9.26 -9.51 -1.07
N SER A 268 -8.97 -10.74 -1.45
CA SER A 268 -8.02 -11.05 -2.54
C SER A 268 -8.39 -12.38 -3.18
N ASN A 269 -8.25 -12.37 -4.50
CA ASN A 269 -8.48 -13.51 -5.41
C ASN A 269 -7.20 -14.33 -5.49
N ALA A 270 -6.07 -13.71 -5.09
CA ALA A 270 -4.68 -14.18 -5.35
C ALA A 270 -4.34 -15.35 -4.43
N SER A 271 -3.32 -16.12 -4.79
CA SER A 271 -2.89 -17.37 -4.10
C SER A 271 -1.62 -17.14 -3.27
N MET A 272 -1.50 -17.81 -2.12
CA MET A 272 -0.24 -17.79 -1.33
C MET A 272 0.85 -18.50 -2.14
N HIS A 273 2.00 -17.85 -2.31
CA HIS A 273 3.24 -18.45 -2.90
C HIS A 273 4.39 -18.36 -1.90
N GLU A 274 5.47 -19.10 -2.13
CA GLU A 274 6.68 -19.13 -1.28
C GLU A 274 7.50 -17.88 -1.62
N CYS A 275 7.05 -16.71 -1.19
CA CYS A 275 7.72 -15.41 -1.46
C CYS A 275 7.63 -14.49 -0.23
N ASN A 276 8.44 -13.45 -0.23
CA ASN A 276 8.54 -12.53 0.92
C ASN A 276 8.57 -11.09 0.39
N THR A 277 7.87 -10.18 1.02
CA THR A 277 7.76 -8.78 0.54
C THR A 277 7.75 -7.82 1.73
N LYS A 278 8.03 -6.56 1.42
CA LYS A 278 7.91 -5.41 2.33
C LYS A 278 6.56 -4.73 2.06
N CYS A 279 5.90 -5.01 0.93
CA CYS A 279 4.67 -4.32 0.50
C CYS A 279 3.71 -5.29 -0.20
N GLN A 280 2.51 -5.47 0.35
CA GLN A 280 1.47 -6.38 -0.21
C GLN A 280 0.20 -5.59 -0.54
N THR A 281 -0.40 -5.86 -1.70
CA THR A 281 -1.71 -5.29 -2.14
C THR A 281 -2.62 -6.47 -2.41
N PRO A 282 -3.95 -6.27 -2.48
CA PRO A 282 -4.85 -7.37 -2.85
C PRO A 282 -4.53 -8.01 -4.21
N LEU A 283 -3.83 -7.31 -5.10
CA LEU A 283 -3.53 -7.80 -6.48
C LEU A 283 -2.23 -8.59 -6.47
N GLY A 284 -1.31 -8.24 -5.56
CA GLY A 284 0.04 -8.80 -5.57
C GLY A 284 1.00 -7.94 -4.79
N ALA A 285 2.21 -8.44 -4.59
CA ALA A 285 3.28 -7.77 -3.83
C ALA A 285 4.06 -6.81 -4.74
N ILE A 286 4.54 -5.71 -4.15
CA ILE A 286 5.39 -4.69 -4.82
C ILE A 286 6.80 -4.76 -4.25
N ASN A 287 7.82 -4.79 -5.10
CA ASN A 287 9.25 -4.75 -4.69
C ASN A 287 9.88 -3.49 -5.29
N SER A 288 9.81 -2.36 -4.60
CA SER A 288 10.05 -1.04 -5.24
C SER A 288 10.63 -0.04 -4.23
N SER A 289 11.56 0.78 -4.70
CA SER A 289 12.06 1.98 -3.99
C SER A 289 11.38 3.22 -4.59
N LEU A 290 10.40 3.02 -5.48
CA LEU A 290 9.65 4.13 -6.13
C LEU A 290 8.68 4.78 -5.17
N PRO A 291 8.52 6.11 -5.23
CA PRO A 291 7.64 6.83 -4.30
C PRO A 291 6.13 6.67 -4.51
N TYR A 292 5.70 6.35 -5.72
CA TYR A 292 4.27 6.31 -6.09
C TYR A 292 3.90 4.99 -6.76
N GLN A 293 2.64 4.62 -6.69
CA GLN A 293 2.15 3.38 -7.34
C GLN A 293 0.69 3.56 -7.72
N ASN A 294 0.26 2.91 -8.80
CA ASN A 294 -1.13 3.01 -9.30
C ASN A 294 -1.71 1.60 -9.36
N ILE A 295 -1.16 0.69 -8.57
CA ILE A 295 -1.57 -0.74 -8.58
C ILE A 295 -2.84 -0.89 -7.78
N HIS A 296 -2.86 -0.39 -6.54
CA HIS A 296 -4.03 -0.55 -5.64
C HIS A 296 -3.93 0.42 -4.47
N PRO A 297 -5.07 1.00 -4.03
CA PRO A 297 -5.11 1.83 -2.83
C PRO A 297 -4.97 1.05 -1.52
N VAL A 298 -5.20 -0.27 -1.53
CA VAL A 298 -5.13 -1.13 -0.31
C VAL A 298 -3.72 -1.68 -0.21
N THR A 299 -3.02 -1.32 0.87
CA THR A 299 -1.60 -1.65 1.06
C THR A 299 -1.39 -2.26 2.46
N ILE A 300 -0.52 -3.26 2.55
CA ILE A 300 0.02 -3.77 3.82
C ILE A 300 1.54 -3.53 3.79
N GLY A 301 2.11 -2.97 4.84
CA GLY A 301 3.57 -2.88 5.02
C GLY A 301 4.13 -1.49 4.75
N GLU A 302 5.24 -1.42 4.03
CA GLU A 302 5.93 -0.16 3.64
C GLU A 302 5.86 -0.03 2.12
N CYS A 303 4.91 0.76 1.61
CA CYS A 303 4.50 0.79 0.19
C CYS A 303 4.70 2.18 -0.40
N PRO A 304 4.72 2.30 -1.74
CA PRO A 304 4.58 3.62 -2.36
C PRO A 304 3.17 4.17 -2.13
N LYS A 305 3.03 5.50 -2.11
CA LYS A 305 1.74 6.21 -2.01
C LYS A 305 0.93 5.95 -3.28
N TYR A 306 -0.31 5.49 -3.13
CA TYR A 306 -1.19 5.19 -4.27
C TYR A 306 -1.68 6.50 -4.87
N VAL A 307 -1.63 6.61 -6.21
CA VAL A 307 -2.19 7.75 -6.99
C VAL A 307 -2.91 7.19 -8.22
N ARG A 308 -3.79 8.00 -8.82
CA ARG A 308 -4.62 7.59 -9.99
C ARG A 308 -3.84 7.78 -11.30
N SER A 309 -2.65 8.37 -11.25
CA SER A 309 -1.84 8.75 -12.43
C SER A 309 -1.57 7.53 -13.32
N ALA A 310 -1.51 7.76 -14.64
CA ALA A 310 -1.13 6.75 -15.66
C ALA A 310 0.39 6.70 -15.83
N LYS A 311 1.05 7.85 -15.63
CA LYS A 311 2.52 8.01 -15.81
C LYS A 311 2.99 9.11 -14.85
N LEU A 312 4.13 8.91 -14.21
CA LEU A 312 4.86 10.03 -13.56
C LEU A 312 6.34 9.85 -13.86
N ARG A 313 6.81 10.57 -14.86
CA ARG A 313 8.21 10.48 -15.37
C ARG A 313 8.81 11.87 -15.27
N MET A 314 9.96 11.94 -14.63
CA MET A 314 10.73 13.18 -14.38
C MET A 314 11.96 13.15 -15.30
N VAL A 315 12.23 14.25 -16.00
CA VAL A 315 13.42 14.37 -16.88
C VAL A 315 14.67 14.62 -16.02
N THR A 316 15.78 13.98 -16.38
CA THR A 316 17.12 14.17 -15.78
C THR A 316 18.14 14.70 -16.81
N GLY A 317 18.03 14.28 -18.07
CA GLY A 317 18.90 14.76 -19.17
C GLY A 317 18.30 15.99 -19.82
N LEU A 318 18.55 16.17 -21.12
CA LEU A 318 18.14 17.41 -21.84
C LEU A 318 17.25 17.02 -23.02
N ARG A 319 16.71 18.00 -23.71
CA ARG A 319 15.90 17.80 -24.93
C ARG A 319 16.74 16.99 -25.92
N ASN A 320 16.30 15.81 -26.31
CA ASN A 320 17.11 14.93 -27.18
C ASN A 320 16.87 15.32 -28.64
N ILE A 321 17.89 15.87 -29.31
CA ILE A 321 17.81 16.36 -30.73
C ILE A 321 18.97 15.80 -31.54
N PRO A 322 18.92 14.52 -31.97
CA PRO A 322 20.01 13.93 -32.76
C PRO A 322 20.18 14.46 -34.20
N SER A 323 19.57 15.62 -34.51
CA SER A 323 19.47 16.21 -35.88
C SER A 323 20.88 16.40 -36.48
N GLY B 1 13.68 25.68 -24.81
CA GLY B 1 14.95 26.43 -24.50
C GLY B 1 14.69 27.84 -23.99
N LEU B 2 14.55 28.03 -22.67
CA LEU B 2 14.18 29.33 -22.05
C LEU B 2 15.30 30.35 -22.29
N PHE B 3 16.55 29.88 -22.37
CA PHE B 3 17.76 30.72 -22.56
C PHE B 3 18.24 30.68 -24.01
N GLY B 4 17.43 30.14 -24.93
CA GLY B 4 17.62 30.23 -26.39
C GLY B 4 18.81 29.44 -26.92
N ALA B 5 19.49 28.63 -26.09
CA ALA B 5 20.68 27.85 -26.49
C ALA B 5 20.21 26.50 -27.03
N ILE B 6 19.65 25.65 -26.16
CA ILE B 6 19.22 24.27 -26.54
C ILE B 6 17.98 24.42 -27.43
N ALA B 7 17.97 23.74 -28.58
CA ALA B 7 16.94 23.86 -29.64
C ALA B 7 16.75 25.33 -30.04
N GLY B 8 17.83 26.13 -29.97
CA GLY B 8 17.85 27.55 -30.34
C GLY B 8 18.95 27.82 -31.35
N PHE B 9 19.93 28.65 -31.00
CA PHE B 9 21.08 28.98 -31.88
C PHE B 9 21.99 27.76 -32.02
N ILE B 10 21.95 26.79 -31.11
CA ILE B 10 22.58 25.45 -31.32
C ILE B 10 21.47 24.45 -31.62
N GLU B 11 21.23 24.19 -32.90
CA GLU B 11 19.97 23.57 -33.41
C GLU B 11 19.87 22.10 -32.96
N GLY B 12 21.00 21.41 -32.74
CA GLY B 12 21.01 19.96 -32.46
C GLY B 12 22.02 19.53 -31.39
N GLY B 13 21.90 18.29 -30.94
CA GLY B 13 22.86 17.67 -30.02
C GLY B 13 23.86 16.84 -30.78
N TRP B 14 24.93 16.42 -30.12
CA TRP B 14 26.01 15.63 -30.74
C TRP B 14 25.89 14.22 -30.19
N THR B 15 25.28 13.33 -30.97
CA THR B 15 25.19 11.88 -30.69
C THR B 15 26.58 11.28 -30.51
N GLY B 16 27.57 11.83 -31.22
CA GLY B 16 28.99 11.41 -31.13
C GLY B 16 29.58 11.66 -29.74
N MET B 17 28.97 12.53 -28.94
CA MET B 17 29.49 12.91 -27.60
C MET B 17 28.75 12.12 -26.52
N ILE B 18 29.37 11.04 -26.03
CA ILE B 18 28.68 9.99 -25.23
C ILE B 18 29.15 10.03 -23.77
N ASP B 19 30.06 10.95 -23.43
CA ASP B 19 30.82 10.88 -22.15
C ASP B 19 30.39 12.02 -21.22
N GLY B 20 29.30 12.73 -21.54
CA GLY B 20 28.77 13.85 -20.73
C GLY B 20 27.69 14.63 -21.45
N TRP B 21 26.96 15.49 -20.72
CA TRP B 21 25.80 16.21 -21.28
C TRP B 21 26.30 17.39 -22.10
N TYR B 22 27.34 18.07 -21.63
CA TYR B 22 27.92 19.25 -22.29
C TYR B 22 29.41 19.06 -22.45
N GLY B 23 29.97 19.71 -23.47
CA GLY B 23 31.43 19.74 -23.69
C GLY B 23 31.77 20.30 -25.04
N TYR B 24 32.87 19.82 -25.62
CA TYR B 24 33.60 20.55 -26.68
C TYR B 24 33.82 19.61 -27.88
N HIS B 25 33.75 20.20 -29.06
CA HIS B 25 34.25 19.62 -30.34
C HIS B 25 35.36 20.52 -30.88
N HIS B 26 36.52 19.93 -31.20
CA HIS B 26 37.71 20.64 -31.74
C HIS B 26 38.00 20.11 -33.14
N GLN B 27 38.47 20.98 -34.04
CA GLN B 27 38.96 20.62 -35.40
C GLN B 27 40.23 21.42 -35.67
N ASN B 28 41.36 20.75 -35.86
CA ASN B 28 42.67 21.42 -36.07
C ASN B 28 43.48 20.61 -37.08
N GLU B 29 44.71 21.05 -37.37
CA GLU B 29 45.66 20.39 -38.29
C GLU B 29 45.82 18.91 -37.87
N GLN B 30 45.83 18.64 -36.56
CA GLN B 30 46.13 17.28 -36.00
C GLN B 30 44.90 16.37 -36.01
N GLY B 31 43.68 16.92 -36.16
CA GLY B 31 42.45 16.12 -36.30
C GLY B 31 41.27 16.76 -35.59
N SER B 32 40.24 15.97 -35.28
CA SER B 32 38.99 16.42 -34.62
C SER B 32 38.52 15.38 -33.59
N GLY B 33 37.86 15.85 -32.52
CA GLY B 33 37.40 15.02 -31.39
C GLY B 33 36.44 15.75 -30.46
N TYR B 34 35.66 14.98 -29.69
CA TYR B 34 34.72 15.47 -28.66
C TYR B 34 35.29 15.21 -27.26
N ALA B 35 34.93 16.05 -26.30
CA ALA B 35 35.30 15.87 -24.88
C ALA B 35 34.32 16.63 -23.99
N ALA B 36 33.74 15.95 -23.00
CA ALA B 36 32.80 16.55 -22.03
C ALA B 36 33.58 17.47 -21.09
N ASP B 37 32.97 18.59 -20.69
CA ASP B 37 33.45 19.40 -19.57
C ASP B 37 32.99 18.69 -18.30
N GLN B 38 33.90 18.04 -17.58
CA GLN B 38 33.53 17.20 -16.42
C GLN B 38 33.02 18.08 -15.26
N LYS B 39 33.61 19.25 -15.03
CA LYS B 39 33.23 20.14 -13.90
C LYS B 39 31.75 20.51 -14.04
N SER B 40 31.36 21.12 -15.18
CA SER B 40 29.97 21.61 -15.39
C SER B 40 29.02 20.41 -15.46
N THR B 41 29.45 19.31 -16.07
CA THR B 41 28.62 18.09 -16.25
C THR B 41 28.39 17.43 -14.88
N GLN B 42 29.46 17.19 -14.13
CA GLN B 42 29.39 16.48 -12.82
C GLN B 42 28.50 17.30 -11.88
N ASN B 43 28.68 18.62 -11.85
CA ASN B 43 27.86 19.53 -11.02
C ASN B 43 26.40 19.40 -11.45
N ALA B 44 26.14 19.30 -12.75
CA ALA B 44 24.77 19.14 -13.29
C ALA B 44 24.17 17.82 -12.81
N ILE B 45 24.96 16.74 -12.80
CA ILE B 45 24.55 15.39 -12.32
C ILE B 45 24.21 15.49 -10.82
N ASN B 46 25.09 16.12 -10.04
CA ASN B 46 24.92 16.28 -8.58
C ASN B 46 23.58 16.96 -8.30
N GLY B 47 23.33 18.09 -8.97
CA GLY B 47 22.09 18.88 -8.83
C GLY B 47 20.88 18.02 -9.13
N ILE B 48 20.85 17.39 -10.30
CA ILE B 48 19.68 16.59 -10.77
C ILE B 48 19.50 15.41 -9.81
N THR B 49 20.60 14.77 -9.38
CA THR B 49 20.56 13.61 -8.47
C THR B 49 20.02 14.10 -7.13
N ASN B 50 20.37 15.31 -6.70
CA ASN B 50 19.86 15.87 -5.43
C ASN B 50 18.36 16.18 -5.59
N LYS B 51 17.92 16.63 -6.77
CA LYS B 51 16.49 16.97 -7.04
C LYS B 51 15.63 15.70 -7.07
N VAL B 52 16.03 14.63 -7.77
CA VAL B 52 15.30 13.33 -7.73
C VAL B 52 15.21 12.84 -6.28
N ASN B 53 16.32 12.83 -5.56
CA ASN B 53 16.35 12.36 -4.16
C ASN B 53 15.38 13.19 -3.33
N THR B 54 15.35 14.52 -3.54
CA THR B 54 14.45 15.43 -2.79
C THR B 54 13.00 15.00 -3.02
N VAL B 55 12.59 14.78 -4.26
CA VAL B 55 11.19 14.41 -4.59
C VAL B 55 10.84 13.12 -3.84
N ILE B 56 11.71 12.12 -3.91
CA ILE B 56 11.47 10.79 -3.29
C ILE B 56 11.46 10.96 -1.77
N GLU B 57 12.46 11.62 -1.18
CA GLU B 57 12.55 11.78 0.30
C GLU B 57 11.26 12.40 0.84
N LYS B 58 10.67 13.36 0.13
CA LYS B 58 9.51 14.12 0.64
C LYS B 58 8.25 13.26 0.59
N MET B 59 8.19 12.31 -0.33
CA MET B 59 7.07 11.36 -0.40
C MET B 59 7.40 10.22 0.56
N ASN B 60 6.85 10.25 1.76
CA ASN B 60 7.21 9.29 2.84
C ASN B 60 6.51 7.97 2.58
N ILE B 61 7.06 6.89 3.14
CA ILE B 61 6.52 5.51 2.98
C ILE B 61 5.03 5.56 3.35
N GLN B 62 4.18 4.89 2.60
CA GLN B 62 2.79 4.65 3.03
C GLN B 62 2.82 3.42 3.93
N PHE B 63 2.25 3.52 5.12
CA PHE B 63 2.05 2.36 6.02
C PHE B 63 0.69 1.71 5.75
N THR B 64 0.39 0.63 6.47
CA THR B 64 -0.81 -0.18 6.20
C THR B 64 -2.02 0.76 6.15
N ALA B 65 -2.77 0.70 5.06
CA ALA B 65 -3.96 1.52 4.81
C ALA B 65 -4.99 0.61 4.15
N VAL B 66 -6.06 0.26 4.87
CA VAL B 66 -7.03 -0.77 4.44
C VAL B 66 -8.46 -0.23 4.59
N GLY B 67 -9.40 -0.85 3.86
CA GLY B 67 -10.86 -0.60 3.96
C GLY B 67 -11.38 -0.80 5.38
N LYS B 68 -12.45 -0.11 5.73
CA LYS B 68 -13.26 -0.35 6.97
C LYS B 68 -14.62 -0.88 6.52
N GLU B 69 -15.36 -1.55 7.40
CA GLU B 69 -16.74 -2.03 7.08
C GLU B 69 -17.74 -1.32 7.98
N PHE B 70 -18.95 -1.12 7.45
CA PHE B 70 -20.04 -0.38 8.10
C PHE B 70 -21.34 -1.15 7.88
N ASN B 71 -22.22 -1.22 8.89
CA ASN B 71 -23.49 -1.99 8.86
C ASN B 71 -24.55 -1.16 8.11
N LYS B 72 -25.72 -1.77 7.88
CA LYS B 72 -26.86 -1.18 7.10
C LYS B 72 -27.20 0.22 7.64
N LEU B 73 -26.97 0.48 8.94
CA LEU B 73 -27.37 1.74 9.63
C LEU B 73 -26.18 2.68 9.87
N GLU B 74 -25.06 2.49 9.19
CA GLU B 74 -23.87 3.37 9.34
C GLU B 74 -23.48 3.95 7.97
N LYS B 75 -24.47 4.28 7.14
CA LYS B 75 -24.25 4.79 5.77
C LYS B 75 -23.50 6.13 5.86
N ARG B 76 -23.86 7.01 6.79
CA ARG B 76 -23.16 8.31 6.96
C ARG B 76 -21.66 8.10 7.26
N MET B 77 -21.30 7.25 8.23
CA MET B 77 -19.87 7.03 8.60
C MET B 77 -19.14 6.37 7.42
N GLU B 78 -19.81 5.50 6.68
CA GLU B 78 -19.24 4.86 5.47
C GLU B 78 -18.94 5.94 4.42
N ASN B 79 -19.92 6.82 4.20
CA ASN B 79 -19.82 7.93 3.25
C ASN B 79 -18.70 8.88 3.72
N LEU B 80 -18.66 9.19 5.01
CA LEU B 80 -17.62 10.09 5.59
C LEU B 80 -16.24 9.45 5.34
N ASN B 81 -16.11 8.15 5.60
CA ASN B 81 -14.84 7.42 5.43
C ASN B 81 -14.41 7.51 3.97
N LYS B 82 -15.37 7.40 3.04
CA LYS B 82 -15.09 7.41 1.58
C LYS B 82 -14.60 8.81 1.21
N LYS B 83 -15.31 9.83 1.69
CA LYS B 83 -15.00 11.27 1.45
C LYS B 83 -13.54 11.52 1.87
N VAL B 84 -13.13 11.00 3.03
CA VAL B 84 -11.75 11.13 3.55
C VAL B 84 -10.76 10.40 2.62
N ASP B 85 -11.01 9.13 2.29
CA ASP B 85 -10.13 8.35 1.38
C ASP B 85 -10.05 9.04 0.01
N ASP B 86 -11.21 9.32 -0.60
CA ASP B 86 -11.27 9.98 -1.93
C ASP B 86 -10.55 11.33 -1.86
N GLY B 87 -10.79 12.10 -0.81
CA GLY B 87 -10.27 13.47 -0.70
C GLY B 87 -8.77 13.44 -0.69
N PHE B 88 -8.19 12.62 0.18
CA PHE B 88 -6.72 12.50 0.29
C PHE B 88 -6.16 12.09 -1.07
N LEU B 89 -6.76 11.09 -1.71
CA LEU B 89 -6.29 10.58 -3.01
C LEU B 89 -6.36 11.68 -4.08
N ASP B 90 -7.46 12.43 -4.17
CA ASP B 90 -7.56 13.59 -5.10
C ASP B 90 -6.32 14.48 -4.92
N ILE B 91 -6.01 14.82 -3.67
CA ILE B 91 -4.96 15.79 -3.30
C ILE B 91 -3.60 15.23 -3.75
N TRP B 92 -3.30 14.00 -3.36
CA TRP B 92 -1.96 13.40 -3.59
C TRP B 92 -1.71 13.23 -5.08
N THR B 93 -2.73 12.84 -5.86
CA THR B 93 -2.55 12.66 -7.31
C THR B 93 -2.14 14.02 -7.88
N TYR B 94 -2.91 15.05 -7.58
CA TYR B 94 -2.63 16.44 -8.02
C TYR B 94 -1.23 16.85 -7.60
N ASN B 95 -0.85 16.69 -6.34
CA ASN B 95 0.48 17.14 -5.83
C ASN B 95 1.57 16.47 -6.66
N ALA B 96 1.45 15.16 -6.90
CA ALA B 96 2.50 14.35 -7.57
C ALA B 96 2.66 14.85 -9.00
N GLU B 97 1.56 14.98 -9.73
CA GLU B 97 1.55 15.29 -11.17
C GLU B 97 2.17 16.68 -11.38
N LEU B 98 1.75 17.71 -10.62
CA LEU B 98 2.25 19.11 -10.82
C LEU B 98 3.74 19.16 -10.49
N LEU B 99 4.15 18.50 -9.40
CA LEU B 99 5.55 18.55 -8.94
C LEU B 99 6.45 18.06 -10.07
N VAL B 100 6.09 16.96 -10.75
CA VAL B 100 6.98 16.44 -11.85
C VAL B 100 6.94 17.44 -13.01
N LEU B 101 5.76 17.96 -13.36
CA LEU B 101 5.62 18.97 -14.42
C LEU B 101 6.47 20.21 -14.10
N LEU B 102 6.38 20.75 -12.89
CA LEU B 102 7.08 22.01 -12.52
C LEU B 102 8.58 21.74 -12.59
N GLU B 103 9.02 20.65 -11.98
CA GLU B 103 10.47 20.31 -11.86
C GLU B 103 11.03 20.02 -13.25
N ASN B 104 10.28 19.35 -14.11
CA ASN B 104 10.70 19.06 -15.51
C ASN B 104 10.98 20.37 -16.26
N GLU B 105 10.05 21.33 -16.23
CA GLU B 105 10.26 22.69 -16.78
C GLU B 105 11.55 23.29 -16.20
N ARG B 106 11.69 23.28 -14.89
CA ARG B 106 12.86 23.85 -14.17
C ARG B 106 14.13 23.11 -14.62
N THR B 107 14.02 21.81 -14.88
CA THR B 107 15.16 20.93 -15.25
C THR B 107 15.66 21.33 -16.63
N LEU B 108 14.79 21.38 -17.62
CA LEU B 108 15.17 21.71 -19.02
C LEU B 108 15.83 23.09 -19.02
N ASP B 109 15.21 24.04 -18.32
CA ASP B 109 15.69 25.43 -18.21
C ASP B 109 17.10 25.41 -17.58
N PHE B 110 17.31 24.52 -16.62
CA PHE B 110 18.59 24.38 -15.87
C PHE B 110 19.70 23.94 -16.83
N HIS B 111 19.45 22.92 -17.66
CA HIS B 111 20.41 22.45 -18.70
C HIS B 111 20.69 23.59 -19.68
N ASP B 112 19.65 24.30 -20.13
CA ASP B 112 19.81 25.48 -21.02
C ASP B 112 20.77 26.48 -20.36
N SER B 113 20.58 26.76 -19.07
CA SER B 113 21.46 27.62 -18.25
C SER B 113 22.91 27.16 -18.35
N ASN B 114 23.15 25.87 -18.14
CA ASN B 114 24.52 25.31 -18.07
C ASN B 114 25.22 25.50 -19.43
N VAL B 115 24.50 25.34 -20.55
CA VAL B 115 25.08 25.50 -21.92
C VAL B 115 25.43 26.98 -22.12
N LYS B 116 24.49 27.91 -21.90
CA LYS B 116 24.78 29.36 -22.05
C LYS B 116 26.02 29.72 -21.21
N ASN B 117 26.07 29.31 -19.94
CA ASN B 117 27.15 29.71 -18.99
C ASN B 117 28.50 29.17 -19.47
N LEU B 118 28.56 27.95 -20.02
CA LEU B 118 29.84 27.35 -20.46
C LEU B 118 30.33 28.07 -21.73
N TYR B 119 29.41 28.33 -22.68
CA TYR B 119 29.69 29.07 -23.95
C TYR B 119 30.27 30.44 -23.60
N GLU B 120 29.59 31.21 -22.75
CA GLU B 120 30.03 32.57 -22.38
C GLU B 120 31.41 32.48 -21.71
N LYS B 121 31.66 31.45 -20.88
CA LYS B 121 32.95 31.28 -20.14
C LYS B 121 34.09 31.14 -21.16
N VAL B 122 33.94 30.25 -22.16
CA VAL B 122 34.99 30.01 -23.17
C VAL B 122 35.09 31.25 -24.08
N LYS B 123 33.96 31.75 -24.60
CA LYS B 123 33.94 32.95 -25.48
C LYS B 123 34.71 34.10 -24.79
N SER B 124 34.44 34.38 -23.50
CA SER B 124 35.03 35.52 -22.75
C SER B 124 36.51 35.21 -22.47
N GLN B 125 36.85 33.93 -22.36
CA GLN B 125 38.25 33.47 -22.21
C GLN B 125 39.01 33.71 -23.52
N LEU B 126 38.47 33.26 -24.66
CA LEU B 126 39.12 33.34 -25.99
C LEU B 126 39.13 34.81 -26.45
N LYS B 127 38.11 35.59 -26.08
CA LYS B 127 37.98 37.05 -26.38
C LYS B 127 38.10 37.26 -27.89
N ASN B 128 38.91 38.23 -28.32
CA ASN B 128 39.06 38.66 -29.74
C ASN B 128 40.20 37.86 -30.43
N ASN B 129 40.73 36.82 -29.78
CA ASN B 129 41.76 35.93 -30.37
C ASN B 129 41.10 34.88 -31.25
N ALA B 130 39.77 34.87 -31.34
CA ALA B 130 38.95 34.03 -32.25
C ALA B 130 37.62 34.73 -32.54
N LYS B 131 36.92 34.34 -33.60
CA LYS B 131 35.61 34.93 -33.97
C LYS B 131 34.51 33.90 -33.76
N GLU B 132 33.36 34.35 -33.24
CA GLU B 132 32.10 33.57 -33.12
C GLU B 132 31.55 33.39 -34.54
N ILE B 133 31.40 32.14 -35.00
CA ILE B 133 31.10 31.78 -36.42
C ILE B 133 29.75 31.06 -36.49
N GLY B 134 28.87 31.26 -35.51
CA GLY B 134 27.49 30.73 -35.45
C GLY B 134 27.40 29.30 -34.90
N ASN B 135 26.19 28.88 -34.50
CA ASN B 135 25.87 27.52 -33.99
C ASN B 135 26.80 27.14 -32.82
N GLY B 136 27.16 28.13 -31.99
CA GLY B 136 27.98 27.98 -30.77
C GLY B 136 29.42 27.61 -31.07
N CYS B 137 29.90 27.91 -32.28
CA CYS B 137 31.28 27.60 -32.73
C CYS B 137 32.11 28.89 -32.83
N PHE B 138 33.40 28.78 -32.52
CA PHE B 138 34.41 29.83 -32.73
C PHE B 138 35.35 29.35 -33.83
N GLU B 139 35.71 30.24 -34.78
CA GLU B 139 36.79 30.01 -35.77
C GLU B 139 38.02 30.80 -35.31
N PHE B 140 39.13 30.12 -35.01
CA PHE B 140 40.41 30.74 -34.55
C PHE B 140 40.99 31.61 -35.67
N TYR B 141 41.57 32.76 -35.31
CA TYR B 141 42.39 33.60 -36.22
C TYR B 141 43.85 33.13 -36.15
N HIS B 142 44.12 32.08 -35.38
CA HIS B 142 45.48 31.49 -35.22
C HIS B 142 45.41 29.96 -35.16
N LYS B 143 46.57 29.31 -35.23
CA LYS B 143 46.73 27.83 -35.14
C LYS B 143 46.47 27.41 -33.69
N CYS B 144 45.65 26.37 -33.49
CA CYS B 144 45.35 25.76 -32.16
C CYS B 144 45.66 24.26 -32.23
N ASP B 145 46.10 23.69 -31.11
CA ASP B 145 46.60 22.30 -30.99
C ASP B 145 46.00 21.64 -29.74
N ASN B 146 46.30 20.35 -29.54
CA ASN B 146 45.87 19.50 -28.40
C ASN B 146 46.18 20.19 -27.06
N GLU B 147 47.36 20.81 -26.94
CA GLU B 147 47.76 21.59 -25.73
C GLU B 147 46.83 22.80 -25.62
N CYS B 148 46.68 23.56 -26.71
CA CYS B 148 45.79 24.75 -26.85
C CYS B 148 44.35 24.35 -26.52
N MET B 149 43.84 23.29 -27.16
CA MET B 149 42.45 22.79 -26.98
C MET B 149 42.26 22.36 -25.51
N GLU B 150 43.20 21.61 -24.94
CA GLU B 150 43.12 21.12 -23.54
C GLU B 150 43.14 22.32 -22.58
N SER B 151 43.96 23.35 -22.86
CA SER B 151 44.07 24.57 -22.02
C SER B 151 42.74 25.33 -22.04
N VAL B 152 42.05 25.37 -23.19
CA VAL B 152 40.77 26.13 -23.31
C VAL B 152 39.66 25.36 -22.58
N ARG B 153 39.57 24.03 -22.77
CA ARG B 153 38.45 23.23 -22.20
C ARG B 153 38.42 23.37 -20.67
N ASN B 154 39.58 23.39 -20.01
CA ASN B 154 39.68 23.39 -18.53
C ASN B 154 39.91 24.82 -18.02
N GLY B 155 39.67 25.84 -18.85
CA GLY B 155 39.64 27.25 -18.42
C GLY B 155 41.03 27.82 -18.13
N THR B 156 42.06 27.34 -18.84
CA THR B 156 43.46 27.82 -18.69
C THR B 156 43.97 28.30 -20.07
N TYR B 157 43.24 29.19 -20.75
CA TYR B 157 43.59 29.71 -22.10
C TYR B 157 44.34 31.05 -21.98
N ASP B 158 45.42 31.23 -22.74
CA ASP B 158 46.31 32.43 -22.69
C ASP B 158 46.03 33.35 -23.89
N TYR B 159 45.83 34.64 -23.63
CA TYR B 159 45.57 35.72 -24.63
C TYR B 159 46.90 36.27 -25.16
N PRO B 160 47.84 36.74 -24.29
CA PRO B 160 49.11 37.29 -24.77
C PRO B 160 49.84 36.39 -25.77
N LYS B 161 49.84 35.06 -25.53
CA LYS B 161 50.54 34.07 -26.39
C LYS B 161 50.13 34.27 -27.86
N TYR B 162 48.86 34.54 -28.14
CA TYR B 162 48.33 34.56 -29.54
C TYR B 162 47.80 35.94 -29.92
N SER B 163 47.95 36.96 -29.06
CA SER B 163 47.35 38.31 -29.28
C SER B 163 47.92 38.97 -30.55
N GLU B 164 49.25 38.92 -30.74
CA GLU B 164 49.95 39.57 -31.88
C GLU B 164 49.54 38.85 -33.18
N GLU B 165 49.68 37.52 -33.18
CA GLU B 165 49.44 36.61 -34.34
C GLU B 165 48.00 36.77 -34.84
N SER B 166 47.02 36.69 -33.93
CA SER B 166 45.58 36.86 -34.26
C SER B 166 45.39 38.24 -34.91
N LYS B 167 45.92 39.29 -34.29
CA LYS B 167 45.78 40.69 -34.74
C LYS B 167 46.29 40.83 -36.18
N LEU B 168 47.47 40.29 -36.48
CA LEU B 168 48.04 40.25 -37.86
C LEU B 168 47.04 39.54 -38.78
N ASN B 169 46.50 38.40 -38.32
CA ASN B 169 45.62 37.49 -39.11
C ASN B 169 44.23 38.11 -39.33
N ARG B 170 43.70 38.85 -38.34
CA ARG B 170 42.28 39.31 -38.29
C ARG B 170 42.07 40.50 -39.24
N GLU B 171 43.09 41.36 -39.38
CA GLU B 171 43.08 42.51 -40.34
C GLU B 171 41.76 43.27 -40.22
C1 NAG C . 5.13 11.59 -29.52
C2 NAG C . 3.98 10.78 -30.09
C3 NAG C . 4.50 9.50 -30.80
C4 NAG C . 5.64 9.79 -31.78
C5 NAG C . 6.66 10.85 -31.28
C6 NAG C . 7.41 11.48 -32.45
C7 NAG C . 2.05 11.16 -28.58
C8 NAG C . 1.26 10.58 -27.45
N2 NAG C . 3.03 10.40 -29.05
O3 NAG C . 3.41 8.86 -31.47
O4 NAG C . 6.34 8.57 -32.16
O5 NAG C . 6.01 11.93 -30.59
O6 NAG C . 8.71 10.92 -32.66
O7 NAG C . 1.81 12.28 -29.03
C1 NAG C . 6.42 8.21 -33.45
C2 NAG C . 6.97 6.88 -33.99
C3 NAG C . 7.28 6.88 -35.48
C4 NAG C . 6.17 7.49 -36.32
C5 NAG C . 5.74 8.85 -35.74
C6 NAG C . 4.48 9.40 -36.40
C7 NAG C . 8.22 5.90 -32.07
C8 NAG C . 9.57 5.32 -31.71
N2 NAG C . 8.17 6.43 -33.29
O3 NAG C . 7.52 5.53 -35.92
O4 NAG C . 6.66 7.63 -37.65
O5 NAG C . 5.43 8.75 -34.35
O6 NAG C . 4.67 9.73 -37.78
O7 NAG C . 7.27 5.85 -31.32
C1 NAG D . 13.76 -6.41 -5.65
C2 NAG D . 14.39 -7.79 -5.93
C3 NAG D . 15.92 -7.67 -5.96
C4 NAG D . 16.34 -6.63 -6.98
C5 NAG D . 15.68 -5.29 -6.65
C6 NAG D . 16.03 -4.19 -7.66
C7 NAG D . 13.96 -8.63 -3.65
C8 NAG D . 13.28 -9.71 -2.84
N2 NAG D . 13.88 -8.77 -4.98
O3 NAG D . 16.47 -8.93 -6.30
O4 NAG D . 17.77 -6.53 -7.04
O5 NAG D . 14.26 -5.45 -6.61
O6 NAG D . 17.03 -3.31 -7.15
O7 NAG D . 14.52 -7.69 -3.10
C1 NAG E . 20.02 2.35 -27.94
C2 NAG E . 19.54 0.96 -28.39
C3 NAG E . 20.09 -0.15 -27.48
C4 NAG E . 21.61 -0.07 -27.50
C5 NAG E . 22.03 1.31 -26.98
C6 NAG E . 23.55 1.50 -27.01
C7 NAG E . 17.20 1.06 -27.59
C8 NAG E . 15.75 1.06 -28.03
N2 NAG E . 18.09 0.90 -28.58
O3 NAG E . 19.62 -1.46 -27.88
O4 NAG E . 22.21 -1.13 -26.74
O5 NAG E . 21.46 2.35 -27.79
O6 NAG E . 24.18 0.75 -25.96
O7 NAG E . 17.51 1.22 -26.43
N NO3 F . -32.10 -28.20 18.90
O1 NO3 F . -32.44 -27.94 17.75
O2 NO3 F . -31.68 -29.33 19.20
O3 NO3 F . -32.18 -27.34 19.76
C1 FIE G . 25.39 9.76 -20.11
C2 FIE G . 24.72 9.66 -18.90
C3 FIE G . 24.52 10.82 -18.12
C4 FIE G . 25.01 12.05 -18.55
C5 FIE G . 25.67 12.13 -19.77
C6 FIE G . 25.87 11.00 -20.55
C7 FIE G . 23.79 10.75 -16.81
O1 FIE G . 24.53 9.92 -15.93
C8 FIE G . 23.91 9.66 -14.69
C9 FIE G . 22.53 8.98 -14.88
N1 FIE G . 21.83 9.92 -15.75
C10 FIE G . 22.42 10.18 -17.06
C11 FIE G . 20.70 10.55 -15.42
O2 FIE G . 20.19 11.31 -16.21
C12 FIE G . 20.04 10.28 -14.11
C13 FIE G . 20.41 10.93 -12.96
C14 FIE G . 19.77 10.67 -11.74
C15 FIE G . 18.72 9.74 -11.72
C16 FIE G . 18.33 9.09 -12.89
C17 FIE G . 18.97 9.35 -14.08
CL1 FIE G . 21.71 12.06 -13.06
N2 FIE G . 17.94 9.45 -10.54
S1 FIE G . 18.69 8.86 -9.33
F1 FIE G . 19.37 7.44 -9.70
O3 FIE G . 19.61 9.76 -8.65
N3 FIE G . 17.44 8.54 -8.21
C18 FIE G . 17.98 7.84 -7.05
C19 FIE G . 16.92 6.82 -6.76
C20 FIE G . 16.05 6.72 -7.84
C21 FIE G . 16.47 7.68 -8.89
N4 FIE G . 16.80 6.08 -5.62
C22 FIE G . 15.75 5.22 -5.59
C23 FIE G . 14.83 5.08 -6.64
C24 FIE G . 14.97 5.84 -7.80
#